data_3LWP
#
_entry.id   3LWP
#
_cell.length_a   188.173
_cell.length_b   64.580
_cell.length_c   83.798
_cell.angle_alpha   90.00
_cell.angle_beta   90.00
_cell.angle_gamma   90.00
#
_symmetry.space_group_name_H-M   'P 21 21 2'
#
loop_
_entity.id
_entity.type
_entity.pdbx_description
1 polymer 'Probable tRNA pseudouridine synthase B'
2 polymer 'Ribosome biogenesis protein Nop10'
3 polymer 'Large ribosomal subunit protein eL8'
4 polymer 'H/ACA RNA'
5 polymer "5'-R(*GP*AP*GP*CP*GP*(BRU)P*GP*CP*GP*GP*UP*UP*U)-3"
6 non-polymer 'ZINC ION'
7 water water
#
loop_
_entity_poly.entity_id
_entity_poly.type
_entity_poly.pdbx_seq_one_letter_code
_entity_poly.pdbx_strand_id
1 'polypeptide(L)'
;MARDEVRRILPADIKREVLIKDENAETNPDWGFPPEKRPIEMHIQFGVINLDKPPGPTSHEVVAWIKKILNLEKAGHGGT
LDPKVSGVLPVALEKATRVVQALLPAGKEYVALMHLHGDVPEDKIIQVMKEFEGEIIQRPPLRSAVKRRLRTRKVYYIEV
LEIEGRDVLFRVGVEAGTYIRSLIHHIGLALGVGAHMSELRRTRSGPFKEDETLITLHDLVDYYYFWKEDGIEEYFRKAI
QPMEKAVEHLPKVWIKDSAVAAVTHGADLAVPGIAKLHAGIKRGDLVAIMTLKDELVALGKAMMTSQEMLEKTKGIAVDV
EKVFMPRDWYPKLWEKRDRS
;
A
2 'polypeptide(L)' MRFRIRKCPKCGRYTLKEVCPVCGEKTKVAHPPRFSPEDPYGEYRRRWKREVLGIGRKEK B
3 'polypeptide(L)'
;MAKPSYVKFEVPKELAEKALQAVEIARDTGKIRKGTNETTKAVERGQAKLVIIAEDVDPEEIVAHLPPLCEEKEIPYIYV
PSKKELGAAAGIEVAAASVAIIEPGKARDLVEEIAMKVKELMK
;
C
4 'polyribonucleotide' GGGCCACGGAAACCGCGCGCGGUGAUCAAUGAGCCGCGUUCGCUCCCGUGGCCCACAA D
5 'polyribonucleotide' GAGCG(BRU)GCGGUUU E
#
# COMPACT_ATOMS: atom_id res chain seq x y z
N ARG A 8 -15.42 10.60 9.82
CA ARG A 8 -14.14 10.02 9.44
C ARG A 8 -13.44 9.50 10.68
N ILE A 9 -14.21 9.35 11.74
CA ILE A 9 -13.69 9.02 13.06
C ILE A 9 -13.84 7.54 13.41
N LEU A 10 -12.71 6.90 13.70
CA LEU A 10 -12.70 5.53 14.17
C LEU A 10 -12.30 5.55 15.65
N PRO A 11 -12.74 4.55 16.44
CA PRO A 11 -12.40 4.49 17.87
C PRO A 11 -10.89 4.56 18.12
N ALA A 12 -10.08 4.11 17.17
CA ALA A 12 -8.62 4.24 17.25
C ALA A 12 -8.19 5.70 17.30
N ASP A 13 -9.01 6.59 16.75
CA ASP A 13 -8.62 7.99 16.64
C ASP A 13 -8.70 8.78 17.93
N ILE A 14 -9.41 8.25 18.93
CA ILE A 14 -9.58 8.99 20.18
C ILE A 14 -8.22 9.47 20.65
N LYS A 15 -8.17 10.73 21.10
CA LYS A 15 -6.96 11.30 21.63
C LYS A 15 -6.86 10.93 23.10
N ARG A 16 -5.66 10.59 23.55
CA ARG A 16 -5.50 10.20 24.94
C ARG A 16 -4.68 11.22 25.70
N GLU A 17 -4.89 11.24 27.01
CA GLU A 17 -4.17 12.14 27.88
C GLU A 17 -3.15 11.34 28.65
N VAL A 18 -1.93 11.85 28.71
CA VAL A 18 -0.87 11.23 29.48
C VAL A 18 -0.84 11.66 30.95
N LEU A 19 -1.18 10.75 31.86
CA LEU A 19 -0.99 10.97 33.29
C LEU A 19 0.42 10.57 33.73
N ILE A 20 1.11 11.48 34.42
CA ILE A 20 2.47 11.29 34.89
C ILE A 20 2.44 10.71 36.32
N LYS A 21 3.10 9.57 36.53
CA LYS A 21 3.17 8.99 37.88
C LYS A 21 4.47 9.32 38.65
N ASP A 22 5.62 9.24 37.97
CA ASP A 22 6.91 9.55 38.59
C ASP A 22 7.65 10.62 37.79
N GLU A 23 7.42 11.87 38.15
CA GLU A 23 8.05 13.04 37.52
C GLU A 23 9.57 12.95 37.37
N ASN A 24 10.24 12.20 38.25
CA ASN A 24 11.71 12.17 38.26
C ASN A 24 12.37 11.13 37.38
N ALA A 25 11.58 10.18 36.87
CA ALA A 25 12.09 9.10 36.03
C ALA A 25 12.82 9.62 34.81
N GLU A 26 13.98 9.03 34.53
CA GLU A 26 14.72 9.36 33.31
C GLU A 26 15.17 8.05 32.73
N THR A 27 15.61 8.07 31.48
CA THR A 27 16.08 6.85 30.86
C THR A 27 17.57 6.95 30.60
N ASN A 28 18.24 5.81 30.80
CA ASN A 28 19.65 5.71 30.54
C ASN A 28 19.88 5.44 29.07
N PRO A 29 20.45 6.41 28.35
CA PRO A 29 20.64 6.31 26.89
C PRO A 29 21.58 5.18 26.48
N ASP A 30 22.11 4.40 27.43
CA ASP A 30 23.06 3.35 27.08
C ASP A 30 22.39 2.02 26.88
N TRP A 31 21.14 1.92 27.30
CA TRP A 31 20.39 0.67 27.25
C TRP A 31 19.33 0.69 26.18
N GLY A 32 19.12 -0.46 25.57
CA GLY A 32 18.06 -0.59 24.59
C GLY A 32 18.38 0.01 23.24
N PHE A 33 17.51 -0.26 22.27
CA PHE A 33 17.61 0.35 20.97
C PHE A 33 16.24 0.93 20.57
N PRO A 34 16.08 2.25 20.76
CA PRO A 34 14.95 3.00 20.21
C PRO A 34 15.00 2.88 18.68
N PRO A 35 13.84 2.82 18.03
CA PRO A 35 13.68 2.61 16.58
C PRO A 35 14.83 3.10 15.69
N GLU A 36 15.20 4.38 15.75
CA GLU A 36 16.21 4.91 14.83
C GLU A 36 17.63 4.89 15.41
N LYS A 37 17.92 3.81 16.12
CA LYS A 37 19.23 3.55 16.65
C LYS A 37 19.44 2.08 16.35
N ARG A 38 18.43 1.50 15.71
CA ARG A 38 18.44 0.09 15.32
C ARG A 38 19.24 -0.13 14.03
N PRO A 39 20.28 -0.98 14.08
CA PRO A 39 20.93 -1.32 12.78
C PRO A 39 19.93 -2.01 11.81
N ILE A 40 20.05 -1.75 10.51
CA ILE A 40 19.06 -2.25 9.56
C ILE A 40 18.61 -3.70 9.84
N GLU A 41 19.52 -4.60 10.18
CA GLU A 41 19.14 -6.00 10.38
C GLU A 41 18.21 -6.14 11.56
N MET A 42 18.50 -5.41 12.62
CA MET A 42 17.67 -5.43 13.81
C MET A 42 16.32 -4.77 13.52
N HIS A 43 16.31 -3.79 12.62
CA HIS A 43 15.10 -3.08 12.22
C HIS A 43 14.10 -4.03 11.53
N ILE A 44 14.61 -4.90 10.65
CA ILE A 44 13.81 -5.94 10.03
C ILE A 44 13.25 -6.93 11.02
N GLN A 45 14.12 -7.49 11.86
CA GLN A 45 13.72 -8.42 12.91
C GLN A 45 12.52 -7.95 13.71
N PHE A 46 12.32 -6.63 13.79
CA PHE A 46 11.26 -6.06 14.63
C PHE A 46 10.47 -5.09 13.78
N GLY A 47 10.31 -5.43 12.51
CA GLY A 47 9.67 -4.55 11.53
C GLY A 47 8.26 -4.99 11.08
N VAL A 48 7.54 -4.00 10.58
CA VAL A 48 6.18 -4.18 10.08
C VAL A 48 6.11 -3.42 8.77
N ILE A 49 5.55 -4.04 7.75
CA ILE A 49 5.43 -3.38 6.46
C ILE A 49 3.98 -2.93 6.23
N ASN A 50 3.83 -1.70 5.77
CA ASN A 50 2.51 -1.19 5.47
C ASN A 50 2.28 -1.46 3.99
N LEU A 51 1.98 -2.71 3.65
CA LEU A 51 1.99 -3.10 2.23
C LEU A 51 0.72 -2.71 1.53
N ASP A 52 0.85 -2.09 0.36
CA ASP A 52 -0.25 -1.90 -0.58
C ASP A 52 -0.43 -3.16 -1.45
N LYS A 53 -1.33 -4.08 -1.04
CA LYS A 53 -1.61 -5.31 -1.78
C LYS A 53 -2.19 -5.03 -3.16
N PRO A 54 -1.67 -5.68 -4.22
CA PRO A 54 -2.29 -5.53 -5.55
C PRO A 54 -3.52 -6.41 -5.68
N PRO A 55 -4.40 -6.08 -6.61
CA PRO A 55 -5.49 -7.00 -6.97
C PRO A 55 -4.89 -8.22 -7.69
N GLY A 56 -5.35 -9.43 -7.36
CA GLY A 56 -4.91 -10.66 -8.06
C GLY A 56 -4.65 -11.83 -7.11
N PRO A 57 -3.46 -11.82 -6.47
CA PRO A 57 -3.01 -12.84 -5.52
C PRO A 57 -3.75 -12.78 -4.20
N THR A 58 -3.79 -13.90 -3.47
CA THR A 58 -4.38 -13.87 -2.15
C THR A 58 -3.45 -13.14 -1.20
N SER A 59 -3.96 -12.76 -0.04
CA SER A 59 -3.12 -12.21 1.01
C SER A 59 -2.01 -13.21 1.37
N HIS A 60 -2.36 -14.49 1.57
CA HIS A 60 -1.36 -15.50 1.90
C HIS A 60 -0.24 -15.67 0.88
N GLU A 61 -0.56 -15.63 -0.41
CA GLU A 61 0.48 -15.76 -1.41
C GLU A 61 1.46 -14.60 -1.36
N VAL A 62 0.90 -13.41 -1.22
CA VAL A 62 1.67 -12.18 -1.21
C VAL A 62 2.76 -12.29 -0.15
N VAL A 63 2.40 -12.84 1.01
CA VAL A 63 3.33 -12.94 2.12
C VAL A 63 4.38 -14.01 1.86
N ALA A 64 3.99 -15.09 1.20
CA ALA A 64 4.97 -16.11 0.83
C ALA A 64 5.99 -15.52 -0.14
N TRP A 65 5.55 -14.64 -1.03
CA TRP A 65 6.46 -13.91 -1.93
C TRP A 65 7.52 -13.08 -1.16
N ILE A 66 7.02 -12.19 -0.31
CA ILE A 66 7.81 -11.43 0.62
C ILE A 66 8.83 -12.28 1.39
N LYS A 67 8.40 -13.40 1.94
CA LYS A 67 9.34 -14.27 2.63
C LYS A 67 10.40 -14.85 1.70
N LYS A 68 10.03 -15.29 0.51
CA LYS A 68 11.04 -15.91 -0.32
C LYS A 68 12.03 -14.83 -0.81
N ILE A 69 11.52 -13.66 -1.17
CA ILE A 69 12.36 -12.64 -1.80
C ILE A 69 13.20 -11.84 -0.82
N LEU A 70 12.78 -11.80 0.44
CA LEU A 70 13.50 -11.05 1.44
C LEU A 70 14.30 -11.97 2.34
N ASN A 71 14.18 -13.27 2.09
CA ASN A 71 14.85 -14.29 2.91
C ASN A 71 14.45 -14.15 4.35
N LEU A 72 13.14 -14.24 4.61
CA LEU A 72 12.66 -14.21 5.97
C LEU A 72 12.19 -15.59 6.33
N GLU A 73 12.33 -15.93 7.61
CA GLU A 73 11.82 -17.18 8.13
C GLU A 73 10.32 -17.07 8.40
N LYS A 74 9.90 -15.89 8.84
CA LYS A 74 8.57 -15.73 9.40
C LYS A 74 8.01 -14.36 9.07
N ALA A 75 6.70 -14.31 8.90
CA ALA A 75 5.97 -13.08 8.61
C ALA A 75 4.48 -13.42 8.62
N GLY A 76 3.66 -12.47 9.04
CA GLY A 76 2.23 -12.71 9.18
C GLY A 76 1.47 -11.44 8.85
N HIS A 77 0.39 -11.54 8.08
CA HIS A 77 -0.38 -10.34 7.79
C HIS A 77 -1.54 -10.18 8.77
N GLY A 78 -2.10 -8.97 8.85
CA GLY A 78 -3.34 -8.78 9.59
C GLY A 78 -4.54 -9.19 8.72
N GLY A 79 -5.69 -8.57 8.97
CA GLY A 79 -6.90 -8.76 8.19
C GLY A 79 -6.72 -9.19 6.75
N THR A 80 -7.04 -10.45 6.49
CA THR A 80 -6.94 -11.03 5.15
C THR A 80 -7.83 -10.32 4.12
N LEU A 81 -7.21 -9.62 3.20
CA LEU A 81 -7.92 -9.05 2.07
C LEU A 81 -8.14 -10.12 1.00
N ASP A 82 -9.34 -10.11 0.43
CA ASP A 82 -9.68 -10.98 -0.70
C ASP A 82 -8.83 -10.68 -1.94
N PRO A 83 -8.67 -11.69 -2.80
CA PRO A 83 -7.83 -11.67 -4.02
C PRO A 83 -7.96 -10.42 -4.88
N LYS A 84 -9.18 -9.93 -5.09
CA LYS A 84 -9.44 -8.79 -5.98
C LYS A 84 -9.31 -7.45 -5.29
N VAL A 85 -9.22 -7.48 -3.97
CA VAL A 85 -9.17 -6.26 -3.20
C VAL A 85 -7.74 -5.75 -3.06
N SER A 86 -7.53 -4.45 -3.27
CA SER A 86 -6.21 -3.85 -3.09
C SER A 86 -6.14 -3.09 -1.75
N GLY A 87 -4.97 -2.55 -1.43
CA GLY A 87 -4.86 -1.65 -0.29
C GLY A 87 -4.13 -2.17 0.93
N VAL A 88 -4.44 -1.52 2.05
CA VAL A 88 -3.61 -1.60 3.25
C VAL A 88 -3.58 -3.00 3.81
N LEU A 89 -2.43 -3.65 3.70
CA LEU A 89 -2.23 -4.95 4.31
C LEU A 89 -0.95 -4.95 5.20
N PRO A 90 -1.14 -4.80 6.51
CA PRO A 90 0.00 -4.81 7.43
C PRO A 90 0.75 -6.14 7.38
N VAL A 91 2.06 -6.13 7.21
CA VAL A 91 2.84 -7.39 7.25
C VAL A 91 3.92 -7.36 8.33
N ALA A 92 3.67 -8.07 9.41
CA ALA A 92 4.55 -8.05 10.56
C ALA A 92 5.66 -9.08 10.34
N LEU A 93 6.92 -8.69 10.54
CA LEU A 93 8.04 -9.56 10.18
C LEU A 93 8.69 -10.24 11.39
N GLU A 94 9.30 -11.40 11.14
CA GLU A 94 10.16 -12.08 12.11
C GLU A 94 9.69 -12.01 13.57
N LYS A 95 10.49 -11.38 14.42
CA LYS A 95 10.21 -11.35 15.85
C LYS A 95 9.02 -10.43 16.20
N ALA A 96 8.56 -9.63 15.24
CA ALA A 96 7.42 -8.73 15.43
C ALA A 96 6.12 -9.38 14.97
N THR A 97 6.23 -10.61 14.44
CA THR A 97 5.09 -11.32 13.90
C THR A 97 3.81 -11.25 14.76
N ARG A 98 3.93 -11.64 16.01
CA ARG A 98 2.80 -11.65 16.91
C ARG A 98 2.14 -10.29 17.21
N VAL A 99 2.66 -9.18 16.70
CA VAL A 99 1.90 -7.94 16.94
C VAL A 99 0.66 -7.80 16.08
N VAL A 100 0.49 -8.62 15.04
CA VAL A 100 -0.74 -8.50 14.26
C VAL A 100 -1.91 -8.69 15.20
N GLN A 101 -1.75 -9.51 16.24
CA GLN A 101 -2.84 -9.73 17.19
C GLN A 101 -3.34 -8.40 17.82
N ALA A 102 -2.64 -7.32 17.54
CA ALA A 102 -3.05 -6.00 18.03
C ALA A 102 -3.88 -5.30 16.96
N LEU A 103 -3.65 -5.69 15.71
CA LEU A 103 -4.33 -5.12 14.55
C LEU A 103 -5.59 -5.88 14.15
N LEU A 104 -5.57 -7.20 14.29
CA LEU A 104 -6.68 -7.99 13.76
C LEU A 104 -8.03 -7.39 14.22
N PRO A 105 -8.12 -6.97 15.49
CA PRO A 105 -9.30 -6.38 16.16
C PRO A 105 -9.59 -4.89 15.89
N ALA A 106 -8.72 -4.18 15.18
CA ALA A 106 -8.85 -2.74 14.96
C ALA A 106 -9.82 -2.42 13.82
N GLY A 107 -10.31 -1.18 13.81
CA GLY A 107 -11.25 -0.70 12.82
C GLY A 107 -10.62 -0.67 11.46
N LYS A 108 -11.45 -0.67 10.40
CA LYS A 108 -10.93 -0.61 9.04
C LYS A 108 -11.67 0.43 8.19
N GLU A 109 -11.04 0.88 7.13
CA GLU A 109 -11.76 1.76 6.25
C GLU A 109 -11.56 1.33 4.80
N TYR A 110 -12.61 1.52 3.99
CA TYR A 110 -12.60 1.11 2.60
C TYR A 110 -13.16 2.18 1.68
N VAL A 111 -12.63 2.22 0.47
CA VAL A 111 -13.28 2.94 -0.59
C VAL A 111 -13.84 1.83 -1.49
N ALA A 112 -15.13 1.96 -1.79
CA ALA A 112 -15.87 0.87 -2.44
C ALA A 112 -16.61 1.40 -3.62
N LEU A 113 -16.67 0.61 -4.68
CA LEU A 113 -17.46 0.96 -5.85
C LEU A 113 -18.66 0.02 -5.99
N MET A 114 -19.85 0.59 -5.86
CA MET A 114 -21.06 -0.21 -5.88
C MET A 114 -21.82 -0.04 -7.20
N HIS A 115 -22.20 -1.15 -7.83
CA HIS A 115 -22.97 -1.10 -9.06
C HIS A 115 -24.44 -1.53 -8.86
N LEU A 116 -25.33 -0.55 -8.95
CA LEU A 116 -26.77 -0.76 -8.83
C LEU A 116 -27.36 -1.48 -10.03
N HIS A 117 -28.27 -2.41 -9.78
CA HIS A 117 -28.87 -3.16 -10.88
C HIS A 117 -30.04 -2.45 -11.52
N GLY A 118 -30.45 -1.31 -10.98
CA GLY A 118 -31.52 -0.51 -11.56
C GLY A 118 -31.37 0.97 -11.25
N ASP A 119 -32.06 1.82 -11.99
CA ASP A 119 -32.01 3.27 -11.74
C ASP A 119 -32.68 3.75 -10.42
N VAL A 120 -31.98 4.64 -9.71
CA VAL A 120 -32.45 5.19 -8.45
C VAL A 120 -31.99 6.63 -8.45
N PRO A 121 -32.86 7.57 -8.03
CA PRO A 121 -32.43 8.97 -7.83
C PRO A 121 -31.22 9.14 -6.87
N GLU A 122 -30.37 10.14 -7.15
CA GLU A 122 -29.17 10.36 -6.37
C GLU A 122 -29.49 10.61 -4.90
N ASP A 123 -30.60 11.30 -4.65
CA ASP A 123 -30.98 11.65 -3.29
C ASP A 123 -31.40 10.42 -2.46
N LYS A 124 -32.01 9.45 -3.12
CA LYS A 124 -32.56 8.29 -2.42
C LYS A 124 -31.39 7.39 -2.05
N ILE A 125 -30.44 7.27 -2.96
CA ILE A 125 -29.22 6.52 -2.66
C ILE A 125 -28.56 7.09 -1.42
N ILE A 126 -28.28 8.39 -1.43
CA ILE A 126 -27.58 9.02 -0.32
C ILE A 126 -28.37 8.89 0.96
N GLN A 127 -29.68 9.05 0.85
CA GLN A 127 -30.54 8.95 2.02
C GLN A 127 -30.62 7.50 2.51
N VAL A 128 -30.78 6.54 1.61
CA VAL A 128 -30.86 5.16 2.06
C VAL A 128 -29.54 4.66 2.67
N MET A 129 -28.41 5.11 2.11
CA MET A 129 -27.10 4.67 2.60
C MET A 129 -26.78 5.19 4.00
N LYS A 130 -27.25 6.39 4.32
CA LYS A 130 -27.00 6.99 5.63
C LYS A 130 -27.68 6.22 6.76
N GLU A 131 -28.63 5.35 6.40
CA GLU A 131 -29.37 4.57 7.39
C GLU A 131 -28.60 3.34 7.84
N PHE A 132 -27.55 3.00 7.10
CA PHE A 132 -26.74 1.86 7.50
C PHE A 132 -25.67 2.22 8.57
N GLU A 133 -25.38 3.51 8.79
CA GLU A 133 -24.49 3.83 9.94
C GLU A 133 -25.07 3.18 11.22
N GLY A 134 -24.23 2.87 12.21
CA GLY A 134 -24.66 2.10 13.38
C GLY A 134 -24.56 0.58 13.16
N GLU A 135 -25.29 -0.21 13.92
CA GLU A 135 -25.21 -1.67 13.78
C GLU A 135 -25.79 -2.21 12.49
N ILE A 136 -25.21 -3.31 12.03
CA ILE A 136 -25.76 -4.09 10.94
C ILE A 136 -25.59 -5.55 11.33
N ILE A 137 -26.39 -6.40 10.69
CA ILE A 137 -26.32 -7.84 10.91
C ILE A 137 -25.72 -8.51 9.69
N GLN A 138 -25.16 -9.70 9.86
CA GLN A 138 -24.65 -10.44 8.72
C GLN A 138 -24.14 -11.79 9.22
N ARG A 139 -23.79 -12.69 8.31
CA ARG A 139 -22.85 -13.79 8.62
C ARG A 139 -22.38 -14.45 7.33
N LEU A 150 -25.35 -16.08 13.10
CA LEU A 150 -25.61 -14.71 12.67
C LEU A 150 -24.96 -13.72 13.63
N ARG A 151 -24.38 -12.66 13.08
CA ARG A 151 -23.61 -11.74 13.91
C ARG A 151 -23.85 -10.25 13.64
N THR A 152 -23.49 -9.44 14.62
CA THR A 152 -23.69 -8.00 14.54
C THR A 152 -22.35 -7.28 14.40
N ARG A 153 -22.38 -6.08 13.84
CA ARG A 153 -21.15 -5.39 13.48
C ARG A 153 -21.40 -3.89 13.22
N LYS A 154 -20.50 -3.02 13.69
CA LYS A 154 -20.68 -1.57 13.53
C LYS A 154 -20.19 -0.97 12.19
N VAL A 155 -21.03 -0.09 11.65
CA VAL A 155 -20.58 0.85 10.63
C VAL A 155 -20.38 2.22 11.28
N TYR A 156 -19.14 2.65 11.38
CA TYR A 156 -18.83 3.93 12.02
C TYR A 156 -19.20 5.13 11.18
N TYR A 157 -19.10 5.00 9.86
CA TYR A 157 -19.49 6.08 8.97
C TYR A 157 -19.50 5.58 7.53
N ILE A 158 -20.31 6.26 6.72
CA ILE A 158 -20.33 6.07 5.28
C ILE A 158 -20.44 7.42 4.62
N GLU A 159 -19.68 7.63 3.57
CA GLU A 159 -19.77 8.88 2.87
C GLU A 159 -19.79 8.59 1.38
N VAL A 160 -20.73 9.23 0.70
CA VAL A 160 -20.87 9.05 -0.72
C VAL A 160 -20.08 10.11 -1.46
N LEU A 161 -18.98 9.68 -2.05
CA LEU A 161 -18.08 10.55 -2.78
C LEU A 161 -18.73 10.97 -4.11
N GLU A 162 -19.12 10.00 -4.92
CA GLU A 162 -19.66 10.26 -6.25
C GLU A 162 -20.64 9.20 -6.73
N ILE A 163 -21.59 9.65 -7.52
CA ILE A 163 -22.59 8.81 -8.13
C ILE A 163 -22.54 9.06 -9.64
N GLU A 164 -22.49 7.98 -10.42
CA GLU A 164 -22.52 8.11 -11.87
C GLU A 164 -23.47 7.09 -12.49
N GLY A 165 -24.75 7.48 -12.58
CA GLY A 165 -25.80 6.59 -13.02
C GLY A 165 -26.05 5.48 -12.01
N ARG A 166 -25.57 4.28 -12.33
CA ARG A 166 -25.69 3.19 -11.38
C ARG A 166 -24.42 2.96 -10.56
N ASP A 167 -23.38 3.77 -10.80
CA ASP A 167 -22.12 3.57 -10.06
C ASP A 167 -22.00 4.53 -8.89
N VAL A 168 -21.92 3.95 -7.70
CA VAL A 168 -21.85 4.75 -6.52
C VAL A 168 -20.51 4.52 -5.86
N LEU A 169 -19.68 5.57 -5.78
CA LEU A 169 -18.38 5.46 -5.10
C LEU A 169 -18.49 6.01 -3.69
N PHE A 170 -18.07 5.23 -2.70
CA PHE A 170 -18.26 5.70 -1.33
C PHE A 170 -17.20 5.21 -0.40
N ARG A 171 -17.04 5.90 0.74
CA ARG A 171 -16.06 5.48 1.73
C ARG A 171 -16.85 4.93 2.87
N VAL A 172 -16.32 3.94 3.56
CA VAL A 172 -17.03 3.42 4.71
C VAL A 172 -16.02 3.00 5.78
N GLY A 173 -16.29 3.39 7.02
CA GLY A 173 -15.47 2.96 8.15
C GLY A 173 -16.21 1.93 8.99
N VAL A 174 -15.55 0.79 9.23
CA VAL A 174 -16.22 -0.29 9.95
C VAL A 174 -15.38 -0.96 11.01
N GLU A 175 -16.03 -1.85 11.75
CA GLU A 175 -15.35 -2.63 12.76
C GLU A 175 -14.71 -3.87 12.10
N ALA A 176 -13.69 -4.43 12.73
CA ALA A 176 -13.05 -5.63 12.22
C ALA A 176 -14.07 -6.70 11.84
N GLY A 177 -13.86 -7.34 10.70
CA GLY A 177 -14.65 -8.51 10.35
C GLY A 177 -15.99 -8.24 9.68
N THR A 178 -16.25 -6.97 9.37
CA THR A 178 -17.38 -6.56 8.57
C THR A 178 -17.15 -6.85 7.09
N TYR A 179 -18.05 -7.57 6.44
CA TYR A 179 -17.91 -7.77 5.00
C TYR A 179 -18.56 -6.62 4.28
N ILE A 180 -17.76 -5.87 3.52
CA ILE A 180 -18.28 -4.80 2.70
C ILE A 180 -19.17 -5.36 1.55
N ARG A 181 -18.78 -6.48 0.96
CA ARG A 181 -19.51 -7.06 -0.14
C ARG A 181 -20.94 -7.26 0.29
N SER A 182 -21.11 -7.78 1.48
CA SER A 182 -22.41 -8.11 2.00
C SER A 182 -23.17 -6.83 2.39
N LEU A 183 -22.46 -5.83 2.88
CA LEU A 183 -23.06 -4.53 3.18
C LEU A 183 -23.67 -3.93 1.91
N ILE A 184 -22.93 -4.03 0.82
CA ILE A 184 -23.35 -3.43 -0.45
C ILE A 184 -24.62 -4.12 -0.97
N HIS A 185 -24.70 -5.43 -0.72
CA HIS A 185 -25.82 -6.25 -1.15
C HIS A 185 -27.09 -5.86 -0.45
N HIS A 186 -26.98 -5.63 0.87
CA HIS A 186 -28.09 -5.11 1.68
C HIS A 186 -28.50 -3.70 1.33
N ILE A 187 -27.55 -2.86 0.98
CA ILE A 187 -27.88 -1.57 0.39
C ILE A 187 -28.70 -1.76 -0.90
N GLY A 188 -28.32 -2.74 -1.72
CA GLY A 188 -29.07 -3.04 -2.94
C GLY A 188 -30.50 -3.49 -2.70
N LEU A 189 -30.70 -4.38 -1.73
CA LEU A 189 -32.05 -4.76 -1.34
C LEU A 189 -32.87 -3.58 -0.81
N ALA A 190 -32.25 -2.69 -0.05
CA ALA A 190 -33.05 -1.62 0.55
C ALA A 190 -33.46 -0.60 -0.51
N LEU A 191 -32.72 -0.53 -1.60
CA LEU A 191 -33.14 0.29 -2.74
C LEU A 191 -34.15 -0.42 -3.65
N GLY A 192 -34.40 -1.70 -3.42
CA GLY A 192 -35.23 -2.50 -4.31
C GLY A 192 -34.51 -3.10 -5.50
N VAL A 193 -33.85 -2.25 -6.27
CA VAL A 193 -33.21 -2.68 -7.52
C VAL A 193 -32.02 -3.63 -7.36
N GLY A 194 -31.46 -3.76 -6.16
CA GLY A 194 -30.31 -4.65 -5.96
C GLY A 194 -29.00 -4.06 -6.44
N ALA A 195 -27.89 -4.71 -6.11
CA ALA A 195 -26.54 -4.14 -6.29
C ALA A 195 -25.42 -5.15 -6.01
N HIS A 196 -24.29 -4.99 -6.67
CA HIS A 196 -23.12 -5.75 -6.26
C HIS A 196 -21.92 -4.81 -6.15
N MET A 197 -20.89 -5.29 -5.46
CA MET A 197 -19.64 -4.59 -5.29
C MET A 197 -18.75 -4.91 -6.47
N SER A 198 -18.31 -3.90 -7.19
CA SER A 198 -17.53 -4.13 -8.38
C SER A 198 -16.06 -3.78 -8.16
N GLU A 199 -15.78 -3.04 -7.09
CA GLU A 199 -14.40 -2.62 -6.81
C GLU A 199 -14.24 -2.31 -5.34
N LEU A 200 -13.15 -2.81 -4.76
CA LEU A 200 -12.88 -2.59 -3.33
C LEU A 200 -11.40 -2.26 -3.05
N ARG A 201 -11.17 -1.29 -2.17
CA ARG A 201 -9.79 -0.94 -1.76
C ARG A 201 -9.74 -0.55 -0.28
N ARG A 202 -8.94 -1.26 0.51
CA ARG A 202 -8.82 -0.92 1.92
C ARG A 202 -7.87 0.26 2.11
N THR A 203 -8.39 1.36 2.62
CA THR A 203 -7.58 2.56 2.76
C THR A 203 -6.97 2.70 4.14
N ARG A 204 -7.37 1.84 5.08
CA ARG A 204 -6.87 1.92 6.45
C ARG A 204 -7.17 0.67 7.30
N SER A 205 -6.24 0.36 8.19
CA SER A 205 -6.43 -0.73 9.12
C SER A 205 -5.69 -0.39 10.41
N GLY A 206 -6.42 -0.08 11.47
CA GLY A 206 -5.82 0.38 12.69
C GLY A 206 -5.01 1.63 12.42
N PRO A 207 -3.74 1.60 12.83
CA PRO A 207 -2.81 2.73 12.73
C PRO A 207 -2.20 2.79 11.36
N PHE A 208 -2.48 1.77 10.53
CA PHE A 208 -1.94 1.77 9.15
C PHE A 208 -2.91 2.48 8.21
N LYS A 209 -2.39 3.41 7.43
CA LYS A 209 -3.21 4.31 6.63
C LYS A 209 -2.53 4.51 5.32
N GLU A 210 -3.12 5.34 4.46
CA GLU A 210 -2.50 5.66 3.18
C GLU A 210 -1.54 6.84 3.24
N ASP A 211 -0.42 6.67 3.92
CA ASP A 211 0.56 7.76 3.97
C ASP A 211 1.78 7.35 3.15
N GLU A 212 2.88 8.04 3.34
CA GLU A 212 4.10 7.72 2.61
C GLU A 212 4.71 6.35 2.99
N THR A 213 4.30 5.75 4.10
CA THR A 213 4.77 4.40 4.44
C THR A 213 4.07 3.29 3.62
N LEU A 214 2.95 3.61 2.98
CA LEU A 214 2.24 2.66 2.16
C LEU A 214 3.07 2.26 0.93
N ILE A 215 3.58 1.04 0.93
CA ILE A 215 4.55 0.69 -0.11
C ILE A 215 4.10 -0.49 -0.97
N THR A 216 4.16 -0.33 -2.30
CA THR A 216 3.89 -1.44 -3.24
C THR A 216 4.98 -2.51 -3.21
N LEU A 217 4.70 -3.64 -3.85
CA LEU A 217 5.61 -4.78 -3.90
C LEU A 217 6.83 -4.46 -4.77
N HIS A 218 6.58 -3.78 -5.87
CA HIS A 218 7.67 -3.36 -6.74
C HIS A 218 8.66 -2.53 -5.96
N ASP A 219 8.17 -1.49 -5.29
CA ASP A 219 9.04 -0.69 -4.45
C ASP A 219 9.71 -1.50 -3.34
N LEU A 220 8.94 -2.36 -2.70
CA LEU A 220 9.46 -3.13 -1.60
C LEU A 220 10.68 -3.93 -2.05
N VAL A 221 10.55 -4.62 -3.18
CA VAL A 221 11.58 -5.53 -3.66
C VAL A 221 12.74 -4.77 -4.27
N ASP A 222 12.45 -3.66 -4.94
CA ASP A 222 13.53 -2.84 -5.47
C ASP A 222 14.40 -2.18 -4.37
N TYR A 223 13.78 -1.63 -3.34
CA TYR A 223 14.53 -1.04 -2.26
C TYR A 223 15.40 -2.06 -1.63
N TYR A 224 14.84 -3.25 -1.45
CA TYR A 224 15.57 -4.37 -0.92
C TYR A 224 16.86 -4.59 -1.72
N TYR A 225 16.74 -4.73 -3.03
CA TYR A 225 17.92 -4.92 -3.88
C TYR A 225 18.89 -3.76 -3.85
N PHE A 226 18.35 -2.53 -3.86
CA PHE A 226 19.19 -1.34 -3.67
C PHE A 226 20.02 -1.43 -2.42
N TRP A 227 19.50 -2.11 -1.41
CA TRP A 227 20.23 -2.30 -0.20
C TRP A 227 21.20 -3.47 -0.31
N LYS A 228 20.72 -4.61 -0.78
CA LYS A 228 21.52 -5.84 -0.76
C LYS A 228 22.67 -5.83 -1.78
N GLU A 229 22.41 -5.24 -2.93
CA GLU A 229 23.27 -5.35 -4.11
C GLU A 229 24.00 -4.07 -4.47
N ASP A 230 23.45 -2.94 -4.02
CA ASP A 230 23.99 -1.62 -4.31
C ASP A 230 24.52 -0.92 -3.06
N GLY A 231 24.27 -1.48 -1.90
CA GLY A 231 24.77 -0.90 -0.65
C GLY A 231 24.03 0.33 -0.12
N ILE A 232 22.89 0.68 -0.72
CA ILE A 232 22.09 1.80 -0.24
C ILE A 232 21.00 1.29 0.69
N GLU A 233 21.04 1.80 1.91
CA GLU A 233 20.23 1.28 3.01
C GLU A 233 18.97 2.14 3.20
N GLU A 234 19.06 3.38 2.73
CA GLU A 234 18.07 4.41 3.04
C GLU A 234 16.63 4.07 2.61
N TYR A 235 16.46 3.52 1.41
CA TYR A 235 15.10 3.24 0.93
C TYR A 235 14.52 2.01 1.63
N PHE A 236 15.31 0.96 1.76
CA PHE A 236 14.75 -0.22 2.36
C PHE A 236 14.37 0.06 3.80
N ARG A 237 15.17 0.89 4.46
CA ARG A 237 14.92 1.22 5.85
C ARG A 237 13.63 2.01 6.05
N LYS A 238 13.32 2.90 5.12
CA LYS A 238 12.01 3.62 5.13
C LYS A 238 10.82 2.72 4.75
N ALA A 239 11.08 1.62 4.06
CA ALA A 239 10.06 0.67 3.62
C ALA A 239 9.51 -0.16 4.78
N ILE A 240 10.30 -0.25 5.85
CA ILE A 240 9.97 -1.07 7.00
C ILE A 240 9.67 -0.14 8.18
N GLN A 241 8.62 -0.42 8.94
CA GLN A 241 8.26 0.45 10.06
C GLN A 241 8.64 -0.27 11.34
N PRO A 242 8.95 0.50 12.40
CA PRO A 242 9.30 -0.13 13.68
C PRO A 242 8.02 -0.77 14.21
N MET A 243 8.13 -1.93 14.81
CA MET A 243 6.96 -2.61 15.32
C MET A 243 6.13 -1.75 16.26
N GLU A 244 6.76 -0.73 16.85
CA GLU A 244 6.04 0.20 17.73
C GLU A 244 4.86 0.84 17.01
N LYS A 245 5.03 1.09 15.71
CA LYS A 245 3.93 1.57 14.85
C LYS A 245 2.63 0.76 14.98
N ALA A 246 2.73 -0.57 15.01
CA ALA A 246 1.54 -1.43 15.13
C ALA A 246 0.81 -1.26 16.42
N VAL A 247 1.19 -0.27 17.21
CA VAL A 247 0.71 -0.19 18.59
C VAL A 247 0.25 1.26 18.95
N GLU A 248 0.28 2.15 17.96
CA GLU A 248 -0.08 3.55 18.10
C GLU A 248 -1.48 3.77 18.62
N HIS A 249 -2.39 2.87 18.28
CA HIS A 249 -3.80 3.04 18.67
C HIS A 249 -4.13 2.55 20.09
N LEU A 250 -3.26 1.74 20.67
CA LEU A 250 -3.48 1.21 22.02
C LEU A 250 -3.15 2.20 23.14
N PRO A 251 -3.85 2.08 24.26
CA PRO A 251 -3.44 2.78 25.47
C PRO A 251 -2.07 2.27 25.97
N LYS A 252 -1.24 3.17 26.48
CA LYS A 252 0.07 2.74 26.92
C LYS A 252 0.35 3.04 28.38
N VAL A 253 1.22 2.23 28.95
CA VAL A 253 1.87 2.58 30.20
C VAL A 253 3.36 2.52 29.90
N TRP A 254 4.07 3.56 30.33
CA TRP A 254 5.52 3.65 30.16
C TRP A 254 6.17 3.28 31.48
N ILE A 255 7.18 2.43 31.41
CA ILE A 255 7.82 1.95 32.63
C ILE A 255 9.27 2.41 32.80
N LYS A 256 9.74 2.42 34.04
CA LYS A 256 11.11 2.78 34.38
C LYS A 256 12.12 1.71 33.95
N ASP A 257 13.36 2.13 33.68
CA ASP A 257 14.40 1.22 33.19
C ASP A 257 14.58 0.01 34.11
N SER A 258 14.30 0.19 35.38
CA SER A 258 14.59 -0.83 36.37
C SER A 258 13.48 -1.89 36.46
N ALA A 259 12.50 -1.80 35.57
CA ALA A 259 11.42 -2.79 35.52
C ALA A 259 11.41 -3.54 34.20
N VAL A 260 12.21 -3.07 33.25
CA VAL A 260 12.08 -3.50 31.88
C VAL A 260 12.60 -4.91 31.67
N ALA A 261 13.76 -5.22 32.24
CA ALA A 261 14.27 -6.58 32.05
C ALA A 261 13.41 -7.58 32.81
N ALA A 262 12.74 -7.10 33.86
CA ALA A 262 11.93 -7.95 34.71
C ALA A 262 10.69 -8.34 33.94
N VAL A 263 10.04 -7.35 33.35
CA VAL A 263 8.93 -7.56 32.42
C VAL A 263 9.32 -8.49 31.28
N THR A 264 10.43 -8.24 30.59
CA THR A 264 10.83 -9.14 29.50
C THR A 264 11.09 -10.54 30.00
N HIS A 265 11.27 -10.71 31.30
CA HIS A 265 11.54 -12.02 31.88
C HIS A 265 10.27 -12.67 32.42
N GLY A 266 9.13 -12.10 32.04
CA GLY A 266 7.84 -12.62 32.43
C GLY A 266 7.31 -12.18 33.78
N ALA A 267 7.83 -11.07 34.32
CA ALA A 267 7.25 -10.55 35.56
C ALA A 267 6.01 -9.75 35.20
N ASP A 268 5.01 -9.79 36.05
CA ASP A 268 3.94 -8.82 35.94
C ASP A 268 4.46 -7.46 36.33
N LEU A 269 3.81 -6.44 35.79
CA LEU A 269 4.26 -5.08 35.99
C LEU A 269 3.55 -4.53 37.22
N ALA A 270 4.32 -4.27 38.27
CA ALA A 270 3.75 -3.73 39.50
C ALA A 270 3.69 -2.21 39.45
N VAL A 271 2.72 -1.65 40.16
CA VAL A 271 2.57 -0.20 40.26
C VAL A 271 3.89 0.59 40.37
N PRO A 272 4.84 0.12 41.19
CA PRO A 272 6.05 0.93 41.42
C PRO A 272 6.95 1.03 40.20
N GLY A 273 6.57 0.37 39.12
CA GLY A 273 7.39 0.37 37.91
C GLY A 273 6.97 1.40 36.88
N ILE A 274 5.85 2.08 37.13
CA ILE A 274 5.26 2.94 36.13
C ILE A 274 5.75 4.39 36.22
N ALA A 275 6.11 4.97 35.08
CA ALA A 275 6.52 6.38 35.06
C ALA A 275 5.38 7.28 34.60
N LYS A 276 4.59 6.79 33.66
CA LYS A 276 3.60 7.56 32.91
C LYS A 276 2.60 6.54 32.47
N LEU A 277 1.33 6.94 32.30
CA LEU A 277 0.37 6.06 31.65
C LEU A 277 -0.70 6.89 30.93
N HIS A 278 -1.46 6.29 30.01
CA HIS A 278 -2.58 7.01 29.41
C HIS A 278 -3.75 7.07 30.34
N ALA A 279 -4.54 8.11 30.21
CA ALA A 279 -5.79 8.23 30.97
C ALA A 279 -6.83 7.31 30.33
N GLY A 280 -7.84 6.95 31.12
CA GLY A 280 -8.97 6.19 30.59
C GLY A 280 -8.81 4.69 30.46
N ILE A 281 -7.78 4.12 31.08
CA ILE A 281 -7.62 2.67 31.03
C ILE A 281 -8.56 1.99 32.04
N LYS A 282 -9.28 0.99 31.55
CA LYS A 282 -10.17 0.23 32.40
C LYS A 282 -9.67 -1.21 32.52
N ARG A 283 -10.06 -1.89 33.59
CA ARG A 283 -9.67 -3.28 33.81
C ARG A 283 -10.02 -4.11 32.61
N GLY A 284 -9.14 -5.03 32.24
CA GLY A 284 -9.37 -5.86 31.07
C GLY A 284 -8.80 -5.32 29.76
N ASP A 285 -8.60 -4.01 29.68
CA ASP A 285 -8.07 -3.39 28.46
C ASP A 285 -6.70 -3.94 28.06
N LEU A 286 -6.54 -4.18 26.76
CA LEU A 286 -5.26 -4.47 26.15
C LEU A 286 -4.39 -3.22 26.21
N VAL A 287 -3.22 -3.31 26.87
CA VAL A 287 -2.31 -2.18 26.95
C VAL A 287 -0.95 -2.50 26.32
N ALA A 288 -0.35 -1.49 25.71
CA ALA A 288 1.03 -1.61 25.30
C ALA A 288 1.90 -1.12 26.45
N ILE A 289 2.97 -1.87 26.72
CA ILE A 289 3.93 -1.47 27.74
C ILE A 289 5.19 -0.91 27.06
N MET A 290 5.47 0.37 27.30
CA MET A 290 6.58 1.06 26.63
C MET A 290 7.70 1.45 27.58
N THR A 291 8.93 1.50 27.07
CA THR A 291 10.04 2.12 27.80
C THR A 291 9.95 3.61 27.60
N LEU A 292 10.72 4.36 28.38
CA LEU A 292 10.73 5.81 28.26
C LEU A 292 11.36 6.33 26.97
N LYS A 293 12.05 5.42 26.26
CA LYS A 293 12.51 5.63 24.88
C LYS A 293 11.43 5.32 23.84
N ASP A 294 10.26 4.90 24.31
CA ASP A 294 9.20 4.44 23.43
C ASP A 294 9.58 3.19 22.60
N GLU A 295 10.31 2.26 23.19
CA GLU A 295 10.41 0.94 22.59
C GLU A 295 9.26 0.13 23.13
N LEU A 296 8.81 -0.82 22.34
CA LEU A 296 7.76 -1.73 22.78
C LEU A 296 8.33 -2.87 23.60
N VAL A 297 7.74 -3.11 24.76
CA VAL A 297 8.30 -4.11 25.64
C VAL A 297 7.45 -5.33 25.56
N ALA A 298 6.16 -5.11 25.80
CA ALA A 298 5.22 -6.19 25.89
C ALA A 298 3.76 -5.71 25.73
N LEU A 299 2.89 -6.63 25.37
CA LEU A 299 1.46 -6.38 25.41
C LEU A 299 0.99 -7.04 26.69
N GLY A 300 0.03 -6.41 27.34
CA GLY A 300 -0.54 -6.98 28.54
C GLY A 300 -1.99 -6.54 28.72
N LYS A 301 -2.58 -6.92 29.85
CA LYS A 301 -3.98 -6.69 30.11
C LYS A 301 -4.09 -6.00 31.45
N ALA A 302 -4.79 -4.89 31.49
CA ALA A 302 -4.77 -4.08 32.70
C ALA A 302 -5.51 -4.77 33.84
N MET A 303 -4.99 -4.62 35.07
CA MET A 303 -5.59 -5.19 36.27
C MET A 303 -6.04 -4.06 37.17
N MET A 304 -5.95 -2.85 36.63
CA MET A 304 -6.25 -1.64 37.36
C MET A 304 -6.71 -0.59 36.35
N THR A 305 -7.45 0.41 36.82
CA THR A 305 -7.76 1.54 35.98
C THR A 305 -6.64 2.56 36.05
N SER A 306 -6.65 3.49 35.09
CA SER A 306 -5.70 4.58 35.12
C SER A 306 -5.66 5.28 36.48
N GLN A 307 -6.82 5.52 37.09
CA GLN A 307 -6.85 6.17 38.40
C GLN A 307 -6.23 5.32 39.52
N GLU A 308 -6.53 4.03 39.56
CA GLU A 308 -5.89 3.16 40.54
C GLU A 308 -4.37 3.18 40.40
N MET A 309 -3.86 2.95 39.19
CA MET A 309 -2.42 2.86 38.97
C MET A 309 -1.78 4.14 39.41
N LEU A 310 -2.50 5.24 39.23
CA LEU A 310 -1.97 6.54 39.60
C LEU A 310 -1.96 6.78 41.12
N GLU A 311 -3.04 6.40 41.79
CA GLU A 311 -3.13 6.68 43.23
C GLU A 311 -2.30 5.70 44.06
N LYS A 312 -2.24 4.44 43.62
CA LYS A 312 -1.66 3.39 44.44
C LYS A 312 -0.13 3.38 44.43
N THR A 313 0.45 2.68 45.41
CA THR A 313 1.90 2.53 45.52
C THR A 313 2.36 1.07 45.51
N LYS A 314 1.40 0.14 45.54
CA LYS A 314 1.69 -1.28 45.51
C LYS A 314 0.62 -2.02 44.71
N GLY A 315 1.01 -3.13 44.10
CA GLY A 315 0.07 -4.03 43.43
C GLY A 315 0.39 -4.29 41.97
N ILE A 316 -0.26 -5.31 41.39
CA ILE A 316 -0.10 -5.61 39.98
C ILE A 316 -0.98 -4.72 39.13
N ALA A 317 -0.35 -4.00 38.20
CA ALA A 317 -1.02 -3.01 37.37
C ALA A 317 -1.34 -3.58 36.00
N VAL A 318 -0.41 -4.35 35.45
CA VAL A 318 -0.63 -4.97 34.16
C VAL A 318 -0.23 -6.43 34.15
N ASP A 319 -1.08 -7.29 33.59
CA ASP A 319 -0.73 -8.69 33.42
C ASP A 319 -0.02 -8.85 32.08
N VAL A 320 1.28 -9.13 32.15
CA VAL A 320 2.13 -9.24 30.99
C VAL A 320 1.90 -10.54 30.23
N GLU A 321 1.32 -10.45 29.04
CA GLU A 321 0.96 -11.64 28.28
C GLU A 321 1.89 -11.92 27.07
N LYS A 322 2.22 -10.89 26.30
CA LYS A 322 3.08 -11.09 25.13
C LYS A 322 4.32 -10.22 25.22
N VAL A 323 5.49 -10.84 25.25
CA VAL A 323 6.72 -10.11 25.37
C VAL A 323 7.50 -10.11 24.07
N PHE A 324 7.74 -8.92 23.53
CA PHE A 324 8.47 -8.73 22.27
C PHE A 324 9.97 -8.36 22.44
N MET A 325 10.26 -7.49 23.38
CA MET A 325 11.66 -7.08 23.59
C MET A 325 12.56 -8.22 24.10
N PRO A 326 13.71 -8.40 23.46
CA PRO A 326 14.71 -9.39 23.88
C PRO A 326 15.21 -9.14 25.29
N ARG A 327 15.50 -10.21 26.02
CA ARG A 327 15.89 -10.15 27.40
C ARG A 327 17.24 -9.45 27.70
N ASP A 328 17.99 -9.06 26.67
CA ASP A 328 19.31 -8.49 26.93
C ASP A 328 19.44 -7.00 26.58
N TRP A 329 18.37 -6.39 26.07
CA TRP A 329 18.43 -4.96 25.80
C TRP A 329 18.59 -4.15 27.07
N TYR A 330 18.06 -4.66 28.17
CA TYR A 330 18.19 -3.95 29.44
C TYR A 330 18.77 -4.91 30.47
N PRO A 331 19.62 -4.38 31.38
CA PRO A 331 20.27 -5.18 32.42
C PRO A 331 19.26 -5.69 33.42
N LYS A 332 19.54 -6.85 34.03
CA LYS A 332 18.73 -7.35 35.11
C LYS A 332 18.93 -6.49 36.37
N LEU A 333 18.26 -5.34 36.40
CA LEU A 333 18.32 -4.39 37.50
C LEU A 333 17.60 -4.84 38.77
N TRP A 334 17.22 -6.11 38.87
CA TRP A 334 16.66 -6.64 40.12
C TRP A 334 17.70 -7.51 40.79
N PHE B 3 -9.90 -0.84 -14.42
CA PHE B 3 -10.21 -0.40 -13.06
C PHE B 3 -10.74 1.03 -13.04
N ARG B 4 -11.75 1.28 -12.23
CA ARG B 4 -12.39 2.58 -12.26
C ARG B 4 -12.02 3.58 -11.14
N ILE B 5 -11.79 3.10 -9.91
CA ILE B 5 -11.46 3.96 -8.77
C ILE B 5 -10.13 4.69 -9.01
N ARG B 6 -10.17 6.01 -8.92
CA ARG B 6 -8.96 6.81 -9.13
C ARG B 6 -8.60 7.67 -7.90
N LYS B 7 -7.41 8.25 -7.87
CA LYS B 7 -7.13 9.29 -6.84
C LYS B 7 -6.20 10.47 -7.19
N CYS B 8 -6.48 11.64 -6.61
CA CYS B 8 -5.65 12.87 -6.71
C CYS B 8 -4.26 12.53 -6.14
N PRO B 9 -3.18 12.86 -6.86
CA PRO B 9 -1.91 12.76 -6.15
C PRO B 9 -1.69 13.92 -5.16
N LYS B 10 -2.13 15.14 -5.48
CA LYS B 10 -2.18 16.30 -4.54
C LYS B 10 -3.02 16.12 -3.28
N CYS B 11 -4.35 16.04 -3.45
CA CYS B 11 -5.36 15.98 -2.37
C CYS B 11 -5.59 14.64 -1.64
N GLY B 12 -5.34 13.49 -2.28
CA GLY B 12 -5.85 12.21 -1.78
C GLY B 12 -7.37 11.92 -1.97
N ARG B 13 -8.09 12.83 -2.60
CA ARG B 13 -9.45 12.53 -3.00
C ARG B 13 -9.55 11.28 -3.91
N TYR B 14 -10.50 10.41 -3.56
CA TYR B 14 -10.91 9.31 -4.43
C TYR B 14 -12.02 9.82 -5.32
N THR B 15 -11.97 9.46 -6.60
CA THR B 15 -12.92 9.97 -7.58
C THR B 15 -12.93 8.96 -8.73
N LEU B 16 -13.98 9.04 -9.58
CA LEU B 16 -14.07 8.30 -10.87
C LEU B 16 -13.61 9.15 -12.04
N LYS B 17 -13.57 10.46 -11.83
CA LYS B 17 -13.11 11.45 -12.82
C LYS B 17 -11.59 11.46 -13.11
N GLU B 18 -11.20 12.09 -14.24
CA GLU B 18 -9.79 12.22 -14.58
C GLU B 18 -9.15 13.49 -13.99
N VAL B 19 -9.96 14.51 -13.70
CA VAL B 19 -9.44 15.67 -12.99
C VAL B 19 -10.12 15.80 -11.62
N CYS B 20 -9.31 15.94 -10.57
CA CYS B 20 -9.73 16.09 -9.16
C CYS B 20 -10.80 17.20 -9.11
N PRO B 21 -11.91 16.97 -8.39
CA PRO B 21 -12.95 18.01 -8.20
C PRO B 21 -12.68 18.98 -7.03
N VAL B 22 -11.82 18.58 -6.09
CA VAL B 22 -11.36 19.46 -5.03
C VAL B 22 -10.28 20.38 -5.59
N CYS B 23 -9.21 19.77 -6.12
CA CYS B 23 -7.96 20.45 -6.49
C CYS B 23 -7.79 20.73 -8.01
N GLY B 24 -8.30 19.86 -8.88
CA GLY B 24 -8.11 20.04 -10.31
C GLY B 24 -6.93 19.32 -10.96
N GLU B 25 -6.08 18.64 -10.18
CA GLU B 25 -5.02 17.83 -10.77
C GLU B 25 -5.52 16.57 -11.52
N LYS B 26 -4.77 16.14 -12.54
CA LYS B 26 -4.98 14.84 -13.13
C LYS B 26 -4.91 13.77 -12.04
N THR B 27 -5.79 12.78 -12.13
CA THR B 27 -5.85 11.72 -11.14
C THR B 27 -5.12 10.47 -11.67
N LYS B 28 -4.94 9.50 -10.79
CA LYS B 28 -4.29 8.24 -11.18
C LYS B 28 -5.08 7.04 -10.68
N VAL B 29 -4.96 5.94 -11.41
CA VAL B 29 -5.55 4.69 -11.00
C VAL B 29 -5.18 4.31 -9.56
N ALA B 30 -6.18 4.16 -8.69
CA ALA B 30 -5.95 3.79 -7.28
C ALA B 30 -5.19 2.49 -7.00
N HIS B 31 -5.37 1.47 -7.82
CA HIS B 31 -4.76 0.16 -7.53
C HIS B 31 -3.28 0.07 -7.90
N PRO B 32 -2.51 -0.67 -7.11
CA PRO B 32 -1.10 -0.88 -7.45
C PRO B 32 -0.98 -1.80 -8.67
N PRO B 33 0.04 -1.58 -9.51
CA PRO B 33 0.31 -2.50 -10.63
C PRO B 33 0.38 -3.94 -10.14
N ARG B 34 0.10 -4.86 -11.02
CA ARG B 34 0.24 -6.27 -10.71
C ARG B 34 1.70 -6.65 -10.63
N PHE B 35 2.01 -7.51 -9.67
CA PHE B 35 3.37 -7.94 -9.41
C PHE B 35 3.42 -9.44 -9.51
N SER B 36 4.53 -9.98 -9.99
CA SER B 36 4.72 -11.44 -10.03
C SER B 36 6.06 -11.84 -9.46
N PRO B 37 6.05 -12.92 -8.69
CA PRO B 37 7.23 -13.47 -8.00
C PRO B 37 8.39 -13.80 -8.96
N GLU B 38 8.09 -14.00 -10.25
CA GLU B 38 9.13 -14.15 -11.27
C GLU B 38 9.80 -12.81 -11.60
N ASP B 39 9.00 -11.75 -11.68
CA ASP B 39 9.50 -10.38 -11.90
C ASP B 39 10.53 -10.41 -13.03
N PRO B 40 10.06 -10.77 -14.24
CA PRO B 40 10.94 -10.97 -15.40
C PRO B 40 11.69 -9.70 -15.82
N TYR B 41 11.09 -8.52 -15.65
CA TYR B 41 11.76 -7.28 -16.04
C TYR B 41 12.29 -6.46 -14.85
N GLY B 42 12.38 -7.08 -13.68
CA GLY B 42 12.88 -6.40 -12.50
C GLY B 42 14.20 -5.67 -12.77
N GLU B 43 15.10 -6.35 -13.48
CA GLU B 43 16.40 -5.80 -13.76
C GLU B 43 16.28 -4.48 -14.49
N TYR B 44 15.33 -4.40 -15.42
CA TYR B 44 15.17 -3.19 -16.22
C TYR B 44 14.34 -2.12 -15.51
N ARG B 45 13.38 -2.55 -14.70
CA ARG B 45 12.61 -1.59 -13.92
C ARG B 45 13.55 -0.86 -12.95
N ARG B 46 14.52 -1.60 -12.39
CA ARG B 46 15.48 -1.04 -11.44
C ARG B 46 16.48 -0.13 -12.12
N ARG B 47 16.86 -0.47 -13.34
CA ARG B 47 17.67 0.44 -14.12
C ARG B 47 16.96 1.81 -14.28
N TRP B 48 15.66 1.81 -14.57
CA TRP B 48 14.86 3.03 -14.69
C TRP B 48 14.67 3.78 -13.35
N LYS B 49 14.48 3.01 -12.29
CA LYS B 49 14.10 3.58 -11.02
C LYS B 49 15.28 4.26 -10.32
N ARG B 50 16.48 3.69 -10.48
CA ARG B 50 17.70 4.33 -9.99
C ARG B 50 17.85 5.70 -10.61
N GLU B 51 17.70 5.76 -11.93
CA GLU B 51 17.84 7.02 -12.64
C GLU B 51 16.88 8.05 -12.04
N VAL B 52 15.62 7.64 -11.85
CA VAL B 52 14.59 8.49 -11.26
C VAL B 52 15.03 8.95 -9.87
N LEU B 53 15.37 8.00 -9.01
CA LEU B 53 15.80 8.30 -7.64
C LEU B 53 17.14 9.04 -7.52
N GLY B 54 18.14 8.62 -8.30
CA GLY B 54 19.44 9.26 -8.29
C GLY B 54 20.52 8.46 -7.57
N ILE B 55 20.39 7.14 -7.54
CA ILE B 55 21.40 6.32 -6.89
C ILE B 55 22.52 5.96 -7.87
N LYS C 3 5.07 15.47 -17.41
CA LYS C 3 4.78 14.20 -18.08
C LYS C 3 5.65 13.01 -17.58
N PRO C 4 5.10 11.78 -17.69
CA PRO C 4 5.62 10.54 -17.06
C PRO C 4 7.14 10.39 -17.09
N SER C 5 7.69 9.77 -16.05
CA SER C 5 9.14 9.69 -15.89
C SER C 5 9.76 8.65 -16.83
N TYR C 6 8.96 7.70 -17.30
CA TYR C 6 9.49 6.75 -18.27
C TYR C 6 9.63 7.42 -19.64
N VAL C 7 9.01 8.60 -19.79
CA VAL C 7 9.07 9.33 -21.05
C VAL C 7 10.38 10.09 -21.12
N LYS C 8 11.37 9.46 -21.75
CA LYS C 8 12.76 9.84 -21.61
C LYS C 8 13.23 11.00 -22.52
N PHE C 9 12.34 11.51 -23.39
CA PHE C 9 12.65 12.68 -24.23
C PHE C 9 11.44 13.25 -25.00
N GLU C 10 11.55 14.54 -25.34
CA GLU C 10 10.50 15.27 -26.06
C GLU C 10 10.38 14.87 -27.53
N VAL C 11 9.16 14.61 -27.98
CA VAL C 11 8.97 14.23 -29.36
C VAL C 11 7.95 15.17 -30.02
N PRO C 12 8.33 15.79 -31.16
CA PRO C 12 7.53 16.67 -32.03
C PRO C 12 6.20 16.05 -32.46
N LYS C 13 5.26 16.90 -32.88
CA LYS C 13 3.92 16.41 -33.25
C LYS C 13 3.88 15.65 -34.56
N GLU C 14 4.66 16.10 -35.53
CA GLU C 14 4.68 15.43 -36.84
C GLU C 14 5.60 14.22 -36.84
N LEU C 15 6.53 14.20 -35.90
CA LEU C 15 7.39 13.03 -35.72
C LEU C 15 6.61 11.92 -35.04
N ALA C 16 5.71 12.30 -34.14
CA ALA C 16 4.87 11.31 -33.45
C ALA C 16 3.72 10.89 -34.34
N GLU C 17 3.49 11.68 -35.40
CA GLU C 17 2.47 11.39 -36.40
C GLU C 17 2.98 10.38 -37.41
N LYS C 18 4.26 10.51 -37.74
CA LYS C 18 4.89 9.58 -38.65
C LYS C 18 4.94 8.22 -37.96
N ALA C 19 5.15 8.26 -36.65
CA ALA C 19 5.13 7.06 -35.82
C ALA C 19 3.89 6.22 -36.07
N LEU C 20 2.72 6.83 -35.85
CA LEU C 20 1.46 6.18 -36.17
C LEU C 20 1.38 5.73 -37.63
N GLN C 21 1.93 6.53 -38.54
CA GLN C 21 1.93 6.20 -39.96
C GLN C 21 2.66 4.88 -40.25
N ALA C 22 3.90 4.78 -39.80
CA ALA C 22 4.69 3.57 -39.97
C ALA C 22 3.98 2.36 -39.38
N VAL C 23 3.28 2.59 -38.27
CA VAL C 23 2.57 1.49 -37.61
C VAL C 23 1.33 1.15 -38.41
N GLU C 24 0.66 2.18 -38.91
CA GLU C 24 -0.51 2.03 -39.76
C GLU C 24 -0.16 1.10 -40.91
N ILE C 25 0.82 1.53 -41.70
CA ILE C 25 1.26 0.81 -42.87
C ILE C 25 1.74 -0.60 -42.54
N ALA C 26 2.79 -0.69 -41.72
CA ALA C 26 3.39 -1.97 -41.35
C ALA C 26 2.37 -3.04 -40.98
N ARG C 27 1.26 -2.63 -40.38
CA ARG C 27 0.21 -3.56 -39.96
C ARG C 27 -0.30 -4.42 -41.11
N ASP C 28 -0.64 -3.76 -42.22
CA ASP C 28 -1.31 -4.42 -43.33
C ASP C 28 -0.38 -4.80 -44.49
N THR C 29 0.71 -4.05 -44.65
CA THR C 29 1.71 -4.39 -45.66
C THR C 29 2.80 -5.28 -45.07
N GLY C 30 3.00 -5.16 -43.75
CA GLY C 30 4.06 -5.89 -43.07
C GLY C 30 3.60 -6.71 -41.88
N LYS C 31 4.29 -6.53 -40.76
CA LYS C 31 4.08 -7.40 -39.60
C LYS C 31 4.39 -6.68 -38.28
N ILE C 32 3.37 -6.47 -37.45
CA ILE C 32 3.59 -5.84 -36.14
C ILE C 32 3.18 -6.71 -34.94
N ARG C 33 3.45 -6.20 -33.74
CA ARG C 33 2.98 -6.81 -32.50
C ARG C 33 2.42 -5.75 -31.56
N LYS C 34 1.25 -6.04 -31.01
CA LYS C 34 0.50 -5.05 -30.24
C LYS C 34 0.39 -5.48 -28.77
N GLY C 35 0.49 -4.52 -27.86
CA GLY C 35 0.45 -4.87 -26.46
C GLY C 35 1.85 -5.03 -25.91
N THR C 36 1.98 -4.69 -24.64
CA THR C 36 3.29 -4.59 -24.05
C THR C 36 3.95 -5.96 -23.92
N ASN C 37 3.14 -7.00 -23.86
CA ASN C 37 3.69 -8.34 -23.71
C ASN C 37 4.31 -8.89 -25.00
N GLU C 38 3.63 -8.71 -26.12
CA GLU C 38 4.22 -9.10 -27.38
C GLU C 38 5.39 -8.16 -27.72
N THR C 39 5.21 -6.88 -27.43
CA THR C 39 6.25 -5.92 -27.73
C THR C 39 7.55 -6.30 -27.02
N THR C 40 7.42 -6.65 -25.75
CA THR C 40 8.57 -7.05 -24.96
C THR C 40 9.19 -8.36 -25.44
N LYS C 41 8.36 -9.35 -25.81
CA LYS C 41 8.89 -10.57 -26.43
C LYS C 41 9.77 -10.23 -27.62
N ALA C 42 9.24 -9.40 -28.53
CA ALA C 42 9.95 -9.06 -29.77
C ALA C 42 11.31 -8.41 -29.54
N VAL C 43 11.40 -7.55 -28.53
CA VAL C 43 12.67 -6.91 -28.22
C VAL C 43 13.69 -7.93 -27.70
N GLU C 44 13.28 -8.76 -26.73
CA GLU C 44 14.13 -9.80 -26.17
C GLU C 44 14.62 -10.80 -27.24
N ARG C 45 13.73 -11.13 -28.17
CA ARG C 45 14.03 -12.07 -29.24
C ARG C 45 14.82 -11.42 -30.38
N GLY C 46 15.02 -10.11 -30.28
CA GLY C 46 15.74 -9.36 -31.30
C GLY C 46 15.03 -9.46 -32.64
N GLN C 47 13.77 -9.07 -32.65
CA GLN C 47 12.95 -9.15 -33.87
C GLN C 47 12.33 -7.78 -34.19
N ALA C 48 12.24 -6.93 -33.17
CA ALA C 48 11.62 -5.63 -33.33
C ALA C 48 12.52 -4.64 -34.06
N LYS C 49 12.01 -3.97 -35.08
CA LYS C 49 12.80 -2.94 -35.79
C LYS C 49 12.62 -1.56 -35.15
N LEU C 50 11.46 -1.35 -34.55
CA LEU C 50 11.15 -0.09 -33.86
C LEU C 50 10.06 -0.32 -32.83
N VAL C 51 10.25 0.25 -31.65
CA VAL C 51 9.28 0.12 -30.57
C VAL C 51 8.56 1.46 -30.38
N ILE C 52 7.23 1.43 -30.36
CA ILE C 52 6.45 2.65 -30.10
C ILE C 52 5.72 2.60 -28.74
N ILE C 53 5.96 3.63 -27.93
CA ILE C 53 5.41 3.65 -26.58
C ILE C 53 4.45 4.85 -26.43
N ALA C 54 3.31 4.62 -25.77
CA ALA C 54 2.35 5.69 -25.49
C ALA C 54 2.79 6.49 -24.27
N GLU C 55 2.52 7.79 -24.28
CA GLU C 55 2.93 8.66 -23.17
C GLU C 55 1.95 8.71 -21.98
N ASP C 56 0.73 8.21 -22.16
CA ASP C 56 -0.30 8.23 -21.12
C ASP C 56 -0.54 6.87 -20.43
N VAL C 57 0.53 6.12 -20.16
CA VAL C 57 0.40 4.81 -19.54
C VAL C 57 0.40 4.90 -18.01
N ASP C 58 -0.71 4.52 -17.40
CA ASP C 58 -0.89 4.61 -15.96
C ASP C 58 -1.42 3.29 -15.42
N PRO C 59 -0.62 2.56 -14.62
CA PRO C 59 0.68 2.82 -13.98
C PRO C 59 1.90 2.81 -14.89
N GLU C 60 2.93 3.55 -14.50
CA GLU C 60 4.14 3.68 -15.29
C GLU C 60 4.88 2.36 -15.42
N GLU C 61 4.71 1.49 -14.43
CA GLU C 61 5.42 0.22 -14.39
C GLU C 61 5.09 -0.66 -15.58
N ILE C 62 3.94 -0.40 -16.20
CA ILE C 62 3.48 -1.20 -17.35
C ILE C 62 4.49 -1.17 -18.50
N VAL C 63 5.00 0.04 -18.83
CA VAL C 63 5.97 0.20 -19.91
C VAL C 63 7.37 0.67 -19.50
N ALA C 64 7.60 0.92 -18.21
CA ALA C 64 8.82 1.60 -17.79
C ALA C 64 10.10 0.81 -18.04
N HIS C 65 9.97 -0.50 -18.10
CA HIS C 65 11.07 -1.40 -18.42
C HIS C 65 11.39 -1.38 -19.91
N LEU C 66 10.57 -0.70 -20.69
CA LEU C 66 10.75 -0.74 -22.14
C LEU C 66 11.94 0.09 -22.56
N PRO C 67 11.94 1.39 -22.22
CA PRO C 67 13.04 2.19 -22.75
C PRO C 67 14.42 1.59 -22.39
N PRO C 68 14.63 1.16 -21.13
CA PRO C 68 15.95 0.58 -20.81
C PRO C 68 16.23 -0.78 -21.48
N LEU C 69 15.19 -1.53 -21.84
CA LEU C 69 15.38 -2.83 -22.48
C LEU C 69 15.87 -2.62 -23.91
N CYS C 70 15.16 -1.78 -24.66
CA CYS C 70 15.59 -1.43 -26.00
C CYS C 70 17.07 -1.09 -26.02
N GLU C 71 17.45 -0.09 -25.24
CA GLU C 71 18.83 0.37 -25.23
C GLU C 71 19.84 -0.76 -25.04
N GLU C 72 19.49 -1.75 -24.22
CA GLU C 72 20.33 -2.92 -24.02
C GLU C 72 20.46 -3.72 -25.32
N LYS C 73 19.39 -3.73 -26.10
CA LYS C 73 19.32 -4.45 -27.36
C LYS C 73 19.54 -3.51 -28.52
N GLU C 74 19.91 -2.27 -28.20
CA GLU C 74 20.10 -1.22 -29.20
C GLU C 74 19.00 -1.22 -30.27
N ILE C 75 17.76 -1.14 -29.81
CA ILE C 75 16.59 -1.02 -30.66
C ILE C 75 15.94 0.34 -30.44
N PRO C 76 15.68 1.07 -31.54
CA PRO C 76 15.15 2.44 -31.50
C PRO C 76 13.71 2.46 -31.03
N TYR C 77 13.33 3.46 -30.26
CA TYR C 77 11.97 3.56 -29.77
C TYR C 77 11.51 4.99 -29.75
N ILE C 78 10.23 5.18 -30.04
CA ILE C 78 9.66 6.51 -30.00
C ILE C 78 8.39 6.53 -29.16
N TYR C 79 8.06 7.72 -28.69
CA TYR C 79 6.85 7.94 -27.92
C TYR C 79 5.78 8.62 -28.77
N VAL C 80 4.54 8.16 -28.62
CA VAL C 80 3.41 8.80 -29.25
C VAL C 80 2.53 9.31 -28.11
N PRO C 81 1.68 10.31 -28.39
CA PRO C 81 0.82 10.93 -27.37
C PRO C 81 -0.14 9.96 -26.69
N SER C 82 -0.89 9.20 -27.49
CA SER C 82 -2.02 8.45 -26.95
C SER C 82 -1.96 6.94 -27.18
N LYS C 83 -2.40 6.19 -26.16
CA LYS C 83 -2.52 4.76 -26.27
C LYS C 83 -3.80 4.33 -26.96
N LYS C 84 -4.78 5.23 -27.08
CA LYS C 84 -5.96 4.92 -27.88
C LYS C 84 -5.62 5.03 -29.37
N GLU C 85 -5.00 6.15 -29.75
CA GLU C 85 -4.61 6.37 -31.14
C GLU C 85 -3.64 5.28 -31.60
N LEU C 86 -2.67 4.95 -30.75
CA LEU C 86 -1.65 3.94 -31.07
C LEU C 86 -2.30 2.57 -31.22
N GLY C 87 -3.40 2.37 -30.50
CA GLY C 87 -4.14 1.12 -30.56
C GLY C 87 -4.91 1.02 -31.86
N ALA C 88 -5.54 2.12 -32.28
CA ALA C 88 -6.30 2.12 -33.52
C ALA C 88 -5.39 1.86 -34.73
N ALA C 89 -4.21 2.46 -34.72
CA ALA C 89 -3.19 2.24 -35.75
C ALA C 89 -2.81 0.76 -35.88
N ALA C 90 -2.73 0.08 -34.73
CA ALA C 90 -2.32 -1.31 -34.69
C ALA C 90 -3.40 -2.30 -35.13
N GLY C 91 -4.59 -1.80 -35.46
CA GLY C 91 -5.63 -2.62 -36.04
C GLY C 91 -6.57 -3.25 -35.04
N ILE C 92 -6.53 -2.75 -33.81
CA ILE C 92 -7.44 -3.18 -32.76
C ILE C 92 -8.27 -1.98 -32.33
N GLU C 93 -9.45 -2.23 -31.77
CA GLU C 93 -10.32 -1.14 -31.31
C GLU C 93 -9.90 -0.57 -29.95
N VAL C 94 -9.63 -1.50 -29.04
CA VAL C 94 -9.02 -1.20 -27.75
C VAL C 94 -7.61 -0.56 -27.85
N ALA C 95 -7.07 -0.10 -26.73
CA ALA C 95 -5.81 0.62 -26.72
C ALA C 95 -4.57 -0.29 -26.73
N ALA C 96 -3.40 0.36 -26.80
CA ALA C 96 -2.12 -0.32 -26.75
C ALA C 96 -1.05 0.55 -26.07
N ALA C 97 -0.57 0.13 -24.92
CA ALA C 97 0.54 0.81 -24.27
C ALA C 97 1.73 0.94 -25.18
N SER C 98 1.90 -0.04 -26.07
CA SER C 98 3.12 -0.17 -26.85
C SER C 98 2.99 -1.14 -28.03
N VAL C 99 3.83 -0.92 -29.04
CA VAL C 99 3.84 -1.70 -30.28
C VAL C 99 5.26 -1.91 -30.83
N ALA C 100 5.48 -3.09 -31.39
CA ALA C 100 6.72 -3.42 -32.07
C ALA C 100 6.46 -3.58 -33.56
N ILE C 101 7.25 -2.91 -34.39
CA ILE C 101 7.14 -3.11 -35.83
C ILE C 101 8.16 -4.15 -36.25
N ILE C 102 7.70 -5.39 -36.44
CA ILE C 102 8.60 -6.51 -36.75
C ILE C 102 9.10 -6.47 -38.17
N GLU C 103 8.19 -6.30 -39.11
CA GLU C 103 8.53 -6.20 -40.51
C GLU C 103 7.78 -5.03 -41.17
N PRO C 104 8.54 -4.00 -41.59
CA PRO C 104 8.08 -2.69 -42.08
C PRO C 104 7.23 -2.76 -43.35
N GLY C 105 7.87 -2.99 -44.49
CA GLY C 105 7.17 -2.93 -45.78
C GLY C 105 7.15 -1.53 -46.35
N LYS C 106 5.97 -1.05 -46.72
CA LYS C 106 5.83 0.29 -47.30
C LYS C 106 6.36 1.38 -46.37
N ALA C 107 6.76 0.99 -45.17
CA ALA C 107 7.19 1.94 -44.15
C ALA C 107 8.71 1.92 -43.99
N ARG C 108 9.39 1.18 -44.86
CA ARG C 108 10.83 1.01 -44.76
C ARG C 108 11.62 2.31 -44.59
N ASP C 109 11.33 3.30 -45.44
CA ASP C 109 12.00 4.59 -45.37
C ASP C 109 11.60 5.41 -44.15
N LEU C 110 10.30 5.46 -43.89
CA LEU C 110 9.75 6.19 -42.75
C LEU C 110 10.40 5.74 -41.44
N VAL C 111 10.36 4.43 -41.20
CA VAL C 111 11.04 3.84 -40.06
C VAL C 111 12.53 4.20 -40.05
N GLU C 112 13.19 4.02 -41.17
CA GLU C 112 14.61 4.32 -41.25
C GLU C 112 14.83 5.79 -40.94
N GLU C 113 13.86 6.61 -41.33
CA GLU C 113 13.92 8.05 -41.07
C GLU C 113 13.85 8.32 -39.58
N ILE C 114 12.87 7.70 -38.93
CA ILE C 114 12.61 7.95 -37.52
C ILE C 114 13.81 7.56 -36.63
N ALA C 115 14.35 6.37 -36.85
CA ALA C 115 15.52 5.92 -36.10
C ALA C 115 16.63 6.98 -36.12
N MET C 116 16.62 7.82 -37.16
CA MET C 116 17.62 8.88 -37.34
C MET C 116 17.29 10.12 -36.50
N LYS C 117 16.03 10.53 -36.54
CA LYS C 117 15.61 11.71 -35.80
C LYS C 117 15.75 11.48 -34.29
N VAL C 118 15.24 10.34 -33.82
CA VAL C 118 15.31 10.02 -32.41
C VAL C 118 16.76 9.89 -31.96
N LYS C 119 17.56 9.29 -32.83
CA LYS C 119 18.98 9.11 -32.56
C LYS C 119 19.60 10.38 -32.00
N GLU C 120 19.15 11.53 -32.50
CA GLU C 120 19.74 12.81 -32.13
C GLU C 120 19.22 13.33 -30.79
N LEU C 121 18.10 12.78 -30.36
CA LEU C 121 17.43 13.24 -29.16
C LEU C 121 17.98 12.54 -27.92
N MET C 122 18.79 11.50 -28.14
CA MET C 122 19.50 10.81 -27.06
C MET C 122 20.83 11.49 -26.77
#